data_1MUJ
#
_entry.id   1MUJ
#
_cell.length_a   63.647
_cell.length_b   88.065
_cell.length_c   83.740
_cell.angle_alpha   90.00
_cell.angle_beta   92.48
_cell.angle_gamma   90.00
#
_symmetry.space_group_name_H-M   'C 1 2 1'
#
loop_
_entity.id
_entity.type
_entity.pdbx_description
1 polymer 'H-2 CLASS II HISTOCOMPATIBILITY ANTIGEN, A-B ALPHA CHAIN'
2 polymer 'H-2 CLASS II HISTOCOMPATIBILITY ANTIGEN, A BETA CHAIN'
3 polymer 'CLIP peptide'
4 non-polymer 2-acetamido-2-deoxy-beta-D-glucopyranose
5 water water
#
loop_
_entity_poly.entity_id
_entity_poly.type
_entity_poly.pdbx_seq_one_letter_code
_entity_poly.pdbx_strand_id
1 'polypeptide(L)'
;EDDIEADHVGTYGISVYQSPGDIGQYTFEFDGDELFYVDLDKKETVWMLPEFGQLASFDPQGGLQNIAVVKHNLGVLTKR
SNSTPATNEAPQATVFPKSPVLLGQPNTLICFVDNIFPPVINITWLRNSKSVADGVYETSFFVNRDYSFHKLSYLTFIPS
DDDIYDCKVEHWGLEEPVLKHWSSADLVPR
;
A
2 'polypeptide(L)'
;GDSERHFVYQFMGECYFTNGTQRIRYVTRYIYNREEYVRYDSDVGEHRAVTELGRPDAEYWNSQPEILERTRAELDTVCR
HNYEGPETHTSLRRLEQPNVVISLSRTEALNHHNTLVCSVTDFYPAKIKVRWFRNGQEETVGVSSTQLIRNGDWTFQVLV
MLEMTPRRGEVYTCHVEHPSLKSPITVEWSSAELVPR
;
B
3 'polypeptide(L)' GSHSRGLPKPPKPVSKMRMATPLLMQALPMGSGSGS C
#
# COMPACT_ATOMS: atom_id res chain seq x y z
N ASP A 3 -2.62 8.22 13.79
CA ASP A 3 -2.53 9.05 15.02
C ASP A 3 -1.06 9.28 15.38
N ILE A 4 -0.19 8.40 14.87
CA ILE A 4 1.25 8.52 15.15
C ILE A 4 1.99 9.05 13.92
N GLU A 5 2.47 10.28 14.01
CA GLU A 5 3.18 10.92 12.91
C GLU A 5 4.66 10.55 12.74
N ALA A 6 5.12 10.63 11.47
CA ALA A 6 6.51 10.34 11.17
C ALA A 6 6.91 10.66 9.73
N ASP A 7 8.19 10.60 9.54
CA ASP A 7 8.78 10.84 8.26
C ASP A 7 8.62 9.57 7.42
N HIS A 8 8.75 8.40 8.05
CA HIS A 8 8.63 7.13 7.36
C HIS A 8 8.06 6.05 8.26
N VAL A 9 7.34 5.11 7.65
CA VAL A 9 6.77 3.99 8.39
C VAL A 9 7.25 2.71 7.75
N GLY A 10 7.94 1.92 8.52
CA GLY A 10 8.43 0.67 8.06
C GLY A 10 7.64 -0.43 8.72
N THR A 11 6.76 -1.06 8.00
CA THR A 11 6.08 -2.19 8.59
C THR A 11 6.92 -3.41 8.24
N TYR A 12 7.71 -3.78 9.21
CA TYR A 12 8.52 -4.93 8.98
C TYR A 12 7.87 -6.14 9.63
N GLY A 13 7.08 -6.84 8.84
CA GLY A 13 6.39 -8.03 9.27
C GLY A 13 4.91 -7.79 9.44
N ILE A 14 4.16 -8.32 8.49
CA ILE A 14 2.71 -8.30 8.57
C ILE A 14 2.29 -9.71 8.33
N SER A 15 1.64 -10.32 9.29
CA SER A 15 1.22 -11.70 9.16
C SER A 15 -0.29 -11.76 9.23
N VAL A 16 -0.90 -12.25 8.16
CA VAL A 16 -2.35 -12.39 8.15
C VAL A 16 -2.65 -13.87 8.03
N TYR A 17 -3.59 -14.34 8.85
CA TYR A 17 -3.94 -15.74 8.83
C TYR A 17 -5.44 -15.94 9.00
N GLN A 18 -5.98 -16.84 8.21
CA GLN A 18 -7.41 -17.09 8.27
C GLN A 18 -7.74 -18.58 8.34
N SER A 19 -8.80 -18.88 9.09
CA SER A 19 -9.28 -20.25 9.23
C SER A 19 -10.81 -20.23 9.17
N PRO A 20 -11.40 -21.32 8.68
CA PRO A 20 -10.69 -22.51 8.21
C PRO A 20 -10.09 -22.24 6.82
N GLY A 21 -8.98 -22.91 6.52
CA GLY A 21 -8.36 -22.74 5.22
C GLY A 21 -6.86 -22.59 5.28
N ASP A 22 -6.34 -22.31 6.47
CA ASP A 22 -4.91 -22.13 6.64
C ASP A 22 -4.34 -21.12 5.65
N ILE A 23 -5.14 -20.10 5.34
CA ILE A 23 -4.76 -19.06 4.41
C ILE A 23 -3.84 -18.05 5.10
N GLY A 24 -2.60 -17.96 4.64
CA GLY A 24 -1.68 -17.04 5.27
C GLY A 24 -1.03 -16.08 4.29
N GLN A 25 -0.63 -14.91 4.77
CA GLN A 25 0.04 -13.93 3.94
C GLN A 25 1.08 -13.21 4.81
N TYR A 26 2.29 -13.10 4.28
CA TYR A 26 3.36 -12.43 4.98
C TYR A 26 3.94 -11.40 4.00
N THR A 27 4.12 -10.17 4.47
CA THR A 27 4.64 -9.09 3.65
C THR A 27 5.47 -8.08 4.44
N PHE A 28 6.14 -7.21 3.72
CA PHE A 28 6.92 -6.14 4.31
C PHE A 28 6.45 -4.91 3.54
N GLU A 29 6.18 -3.83 4.26
CA GLU A 29 5.74 -2.59 3.63
C GLU A 29 6.65 -1.44 4.05
N PHE A 30 6.68 -0.40 3.23
CA PHE A 30 7.45 0.79 3.54
C PHE A 30 6.76 1.97 2.87
N ASP A 31 6.31 2.92 3.69
CA ASP A 31 5.61 4.10 3.23
C ASP A 31 4.36 3.71 2.44
N GLY A 32 3.72 2.65 2.89
CA GLY A 32 2.50 2.19 2.25
C GLY A 32 2.64 1.34 1.01
N ASP A 33 3.86 1.07 0.56
CA ASP A 33 4.08 0.23 -0.61
C ASP A 33 4.60 -1.15 -0.20
N GLU A 34 4.44 -2.13 -1.06
CA GLU A 34 4.90 -3.47 -0.72
C GLU A 34 6.36 -3.73 -1.09
N LEU A 35 7.16 -4.07 -0.09
CA LEU A 35 8.58 -4.37 -0.33
C LEU A 35 8.63 -5.73 -1.00
N PHE A 36 7.97 -6.69 -0.37
CA PHE A 36 7.92 -8.05 -0.86
C PHE A 36 6.90 -8.88 -0.07
N TYR A 37 6.61 -10.07 -0.58
CA TYR A 37 5.73 -10.98 0.14
C TYR A 37 6.47 -12.30 0.06
N VAL A 38 6.30 -13.14 1.08
CA VAL A 38 6.96 -14.43 1.08
C VAL A 38 5.94 -15.43 0.57
N ASP A 39 6.28 -16.12 -0.50
CA ASP A 39 5.39 -17.12 -1.07
C ASP A 39 5.47 -18.27 -0.06
N LEU A 40 4.38 -18.49 0.66
CA LEU A 40 4.36 -19.53 1.69
C LEU A 40 4.47 -20.95 1.17
N ASP A 41 4.13 -21.18 -0.09
CA ASP A 41 4.22 -22.53 -0.65
C ASP A 41 5.61 -22.81 -1.22
N LYS A 42 6.15 -21.84 -1.94
CA LYS A 42 7.46 -21.97 -2.55
C LYS A 42 8.56 -21.55 -1.58
N LYS A 43 8.14 -21.02 -0.43
CA LYS A 43 9.09 -20.54 0.56
C LYS A 43 10.09 -19.61 -0.11
N GLU A 44 9.57 -18.61 -0.81
CA GLU A 44 10.42 -17.65 -1.51
C GLU A 44 9.99 -16.19 -1.31
N THR A 45 11.00 -15.34 -1.08
CA THR A 45 10.81 -13.92 -0.90
C THR A 45 10.66 -13.32 -2.28
N VAL A 46 9.51 -12.75 -2.57
CA VAL A 46 9.25 -12.15 -3.89
C VAL A 46 9.17 -10.63 -3.76
N TRP A 47 10.15 -9.95 -4.32
CA TRP A 47 10.23 -8.49 -4.26
C TRP A 47 9.37 -7.83 -5.31
N MET A 48 8.60 -6.81 -4.93
CA MET A 48 7.76 -6.16 -5.92
C MET A 48 8.62 -5.47 -6.96
N LEU A 49 9.74 -4.90 -6.51
CA LEU A 49 10.66 -4.24 -7.44
C LEU A 49 11.89 -5.12 -7.55
N PRO A 50 12.10 -5.73 -8.72
CA PRO A 50 13.25 -6.61 -8.99
C PRO A 50 14.60 -6.01 -8.61
N GLU A 51 14.77 -4.72 -8.85
CA GLU A 51 16.03 -4.06 -8.52
C GLU A 51 16.26 -3.99 -7.01
N PHE A 52 15.19 -3.93 -6.24
CA PHE A 52 15.31 -3.87 -4.79
C PHE A 52 15.78 -5.23 -4.28
N GLY A 53 15.34 -6.29 -4.95
CA GLY A 53 15.73 -7.63 -4.54
C GLY A 53 17.21 -7.93 -4.74
N GLN A 54 17.87 -7.15 -5.58
CA GLN A 54 19.28 -7.33 -5.85
C GLN A 54 20.14 -6.57 -4.86
N LEU A 55 19.53 -5.68 -4.10
CA LEU A 55 20.29 -4.87 -3.14
C LEU A 55 20.03 -5.30 -1.70
N ALA A 56 18.87 -5.88 -1.46
CA ALA A 56 18.53 -6.32 -0.13
C ALA A 56 17.94 -7.72 -0.20
N SER A 57 17.89 -8.41 0.92
CA SER A 57 17.35 -9.76 0.94
C SER A 57 16.58 -10.01 2.22
N PHE A 58 15.84 -11.11 2.24
CA PHE A 58 15.10 -11.48 3.42
C PHE A 58 14.92 -12.99 3.45
N ASP A 59 15.26 -13.59 4.60
CA ASP A 59 15.17 -15.03 4.77
C ASP A 59 13.71 -15.45 4.90
N PRO A 60 13.14 -16.05 3.83
CA PRO A 60 11.73 -16.48 3.85
C PRO A 60 11.35 -17.26 5.09
N GLN A 61 12.35 -17.75 5.82
CA GLN A 61 12.10 -18.51 7.04
C GLN A 61 11.41 -17.64 8.07
N GLY A 62 11.90 -16.42 8.22
CA GLY A 62 11.30 -15.50 9.17
C GLY A 62 9.81 -15.32 8.91
N GLY A 63 9.43 -15.31 7.63
CA GLY A 63 8.03 -15.17 7.28
C GLY A 63 7.29 -16.44 7.64
N LEU A 64 7.96 -17.56 7.47
CA LEU A 64 7.35 -18.85 7.80
C LEU A 64 7.18 -18.96 9.32
N GLN A 65 8.17 -18.51 10.09
CA GLN A 65 8.07 -18.59 11.54
C GLN A 65 6.87 -17.74 11.96
N ASN A 66 6.80 -16.52 11.40
CA ASN A 66 5.71 -15.59 11.71
C ASN A 66 4.33 -16.20 11.53
N ILE A 67 4.11 -16.86 10.40
CA ILE A 67 2.82 -17.48 10.14
C ILE A 67 2.59 -18.63 11.11
N ALA A 68 3.69 -19.24 11.56
CA ALA A 68 3.59 -20.35 12.51
C ALA A 68 2.97 -19.84 13.79
N VAL A 69 3.59 -18.80 14.36
CA VAL A 69 3.09 -18.21 15.58
C VAL A 69 1.68 -17.69 15.42
N VAL A 70 1.49 -16.85 14.41
CA VAL A 70 0.19 -16.27 14.14
C VAL A 70 -0.91 -17.32 14.04
N LYS A 71 -0.59 -18.46 13.45
CA LYS A 71 -1.58 -19.53 13.31
C LYS A 71 -1.92 -20.14 14.68
N HIS A 72 -0.90 -20.23 15.53
CA HIS A 72 -1.05 -20.77 16.87
C HIS A 72 -1.96 -19.83 17.65
N ASN A 73 -1.53 -18.57 17.76
CA ASN A 73 -2.30 -17.55 18.47
C ASN A 73 -3.76 -17.60 18.08
N LEU A 74 -4.04 -17.62 16.79
CA LEU A 74 -5.41 -17.65 16.33
C LEU A 74 -6.12 -18.84 16.95
N GLY A 75 -5.52 -20.02 16.83
CA GLY A 75 -6.11 -21.22 17.40
C GLY A 75 -6.45 -21.03 18.86
N VAL A 76 -5.59 -20.32 19.59
CA VAL A 76 -5.84 -20.06 21.00
C VAL A 76 -7.05 -19.15 21.14
N LEU A 77 -7.00 -17.98 20.50
CA LEU A 77 -8.09 -17.02 20.57
C LEU A 77 -9.43 -17.56 20.11
N THR A 78 -9.43 -18.34 19.03
CA THR A 78 -10.68 -18.89 18.51
C THR A 78 -11.33 -19.79 19.55
N LYS A 79 -10.53 -20.24 20.52
CA LYS A 79 -11.03 -21.11 21.57
C LYS A 79 -11.17 -20.39 22.91
N ARG A 80 -10.35 -19.37 23.12
CA ARG A 80 -10.37 -18.61 24.36
C ARG A 80 -11.49 -17.57 24.37
N SER A 81 -12.11 -17.34 23.23
CA SER A 81 -13.18 -16.36 23.16
C SER A 81 -14.45 -16.90 22.53
N ASN A 82 -15.53 -16.16 22.72
CA ASN A 82 -16.84 -16.50 22.17
C ASN A 82 -17.20 -15.38 21.20
N SER A 83 -16.18 -14.61 20.82
CA SER A 83 -16.33 -13.50 19.89
C SER A 83 -17.02 -13.92 18.61
N THR A 84 -17.95 -13.11 18.15
CA THR A 84 -18.69 -13.39 16.93
C THR A 84 -17.87 -12.97 15.69
N PRO A 85 -17.87 -13.80 14.64
CA PRO A 85 -17.14 -13.51 13.41
C PRO A 85 -17.53 -12.16 12.81
N ALA A 86 -16.53 -11.35 12.48
CA ALA A 86 -16.77 -10.03 11.89
C ALA A 86 -17.54 -10.13 10.57
N THR A 87 -18.33 -9.10 10.28
CA THR A 87 -19.15 -9.05 9.08
C THR A 87 -18.39 -9.01 7.75
N ASN A 88 -18.93 -9.69 6.73
CA ASN A 88 -18.31 -9.67 5.41
C ASN A 88 -18.59 -8.28 4.87
N GLU A 89 -17.54 -7.48 4.69
CA GLU A 89 -17.70 -6.14 4.17
C GLU A 89 -17.85 -6.24 2.67
N ALA A 90 -18.50 -5.26 2.07
CA ALA A 90 -18.67 -5.26 0.64
C ALA A 90 -17.49 -4.45 0.09
N PRO A 91 -16.69 -5.06 -0.80
CA PRO A 91 -15.53 -4.35 -1.38
C PRO A 91 -15.98 -3.22 -2.30
N GLN A 92 -15.13 -2.22 -2.48
CA GLN A 92 -15.45 -1.11 -3.36
C GLN A 92 -14.29 -0.97 -4.34
N ALA A 93 -14.61 -0.93 -5.63
CA ALA A 93 -13.56 -0.84 -6.65
C ALA A 93 -13.59 0.46 -7.45
N THR A 94 -12.40 0.90 -7.85
CA THR A 94 -12.25 2.10 -8.67
C THR A 94 -11.23 1.72 -9.75
N VAL A 95 -11.50 2.12 -10.98
CA VAL A 95 -10.61 1.82 -12.09
C VAL A 95 -10.12 3.13 -12.67
N PHE A 96 -8.81 3.21 -12.89
CA PHE A 96 -8.20 4.40 -13.45
C PHE A 96 -6.91 4.00 -14.15
N PRO A 97 -6.48 4.79 -15.14
CA PRO A 97 -5.25 4.51 -15.87
C PRO A 97 -4.02 5.03 -15.15
N LYS A 98 -2.94 4.26 -15.22
CA LYS A 98 -1.68 4.63 -14.61
C LYS A 98 -1.15 5.90 -15.27
N SER A 99 -1.29 6.00 -16.59
CA SER A 99 -0.82 7.18 -17.34
C SER A 99 -1.97 7.82 -18.12
N PRO A 100 -1.76 9.08 -18.58
CA PRO A 100 -2.79 9.77 -19.34
C PRO A 100 -3.07 8.93 -20.58
N VAL A 101 -4.31 8.64 -20.81
CA VAL A 101 -4.68 7.81 -21.95
C VAL A 101 -4.31 8.48 -23.29
N LEU A 102 -3.79 7.68 -24.20
CA LEU A 102 -3.42 8.10 -25.52
C LEU A 102 -3.72 6.92 -26.42
N LEU A 103 -4.67 7.08 -27.34
CA LEU A 103 -5.08 6.01 -28.25
C LEU A 103 -3.95 5.28 -28.94
N GLY A 104 -3.95 3.97 -28.83
CA GLY A 104 -2.94 3.14 -29.45
C GLY A 104 -1.60 3.11 -28.73
N GLN A 105 -1.46 3.84 -27.63
CA GLN A 105 -0.21 3.84 -26.87
C GLN A 105 -0.35 2.91 -25.66
N PRO A 106 0.57 1.96 -25.49
CA PRO A 106 0.46 1.04 -24.34
C PRO A 106 0.27 1.76 -23.00
N ASN A 107 -0.62 1.25 -22.16
CA ASN A 107 -0.87 1.86 -20.87
C ASN A 107 -1.23 0.77 -19.88
N THR A 108 -1.67 1.15 -18.69
CA THR A 108 -2.01 0.19 -17.67
C THR A 108 -3.29 0.58 -16.93
N LEU A 109 -4.30 -0.27 -16.97
CA LEU A 109 -5.52 0.01 -16.23
C LEU A 109 -5.31 -0.53 -14.82
N ILE A 110 -5.62 0.28 -13.82
CA ILE A 110 -5.45 -0.12 -12.43
C ILE A 110 -6.79 -0.30 -11.73
N CYS A 111 -7.00 -1.44 -11.11
CA CYS A 111 -8.24 -1.67 -10.39
C CYS A 111 -7.94 -1.67 -8.92
N PHE A 112 -8.30 -0.58 -8.25
CA PHE A 112 -8.06 -0.41 -6.82
C PHE A 112 -9.29 -0.89 -6.07
N VAL A 113 -9.12 -1.91 -5.22
CA VAL A 113 -10.25 -2.45 -4.45
C VAL A 113 -10.05 -2.24 -2.95
N ASP A 114 -10.94 -1.48 -2.32
CA ASP A 114 -10.85 -1.21 -0.89
C ASP A 114 -11.97 -1.83 -0.07
N ASN A 115 -11.85 -1.66 1.24
CA ASN A 115 -12.81 -2.19 2.21
C ASN A 115 -13.03 -3.66 1.94
N ILE A 116 -11.94 -4.39 1.86
CA ILE A 116 -11.97 -5.82 1.64
C ILE A 116 -11.87 -6.50 2.99
N PHE A 117 -12.84 -7.32 3.31
CA PHE A 117 -12.80 -8.09 4.55
C PHE A 117 -13.87 -9.15 4.55
N PRO A 118 -13.49 -10.41 4.77
CA PRO A 118 -12.11 -10.85 5.03
C PRO A 118 -11.27 -10.79 3.75
N PRO A 119 -9.94 -10.83 3.89
CA PRO A 119 -9.04 -10.80 2.74
C PRO A 119 -9.05 -12.10 1.94
N VAL A 120 -10.14 -12.30 1.21
CA VAL A 120 -10.33 -13.46 0.34
C VAL A 120 -11.14 -12.84 -0.78
N ILE A 121 -10.58 -12.85 -1.99
CA ILE A 121 -11.28 -12.20 -3.10
C ILE A 121 -10.76 -12.62 -4.47
N ASN A 122 -11.59 -12.41 -5.49
CA ASN A 122 -11.23 -12.70 -6.86
C ASN A 122 -11.39 -11.39 -7.63
N ILE A 123 -10.28 -10.87 -8.14
CA ILE A 123 -10.33 -9.65 -8.92
C ILE A 123 -9.89 -10.08 -10.30
N THR A 124 -10.78 -9.95 -11.26
CA THR A 124 -10.47 -10.34 -12.62
C THR A 124 -10.84 -9.22 -13.56
N TRP A 125 -10.24 -9.30 -14.74
CA TRP A 125 -10.44 -8.30 -15.79
C TRP A 125 -11.20 -8.87 -16.97
N LEU A 126 -11.98 -8.02 -17.62
CA LEU A 126 -12.77 -8.38 -18.77
C LEU A 126 -12.62 -7.33 -19.86
N ARG A 127 -12.26 -7.75 -21.03
CA ARG A 127 -12.18 -6.84 -22.17
C ARG A 127 -13.29 -7.25 -23.11
N ASN A 128 -14.29 -6.40 -23.23
CA ASN A 128 -15.44 -6.70 -24.06
C ASN A 128 -16.12 -7.97 -23.54
N SER A 129 -16.47 -7.95 -22.25
CA SER A 129 -17.15 -9.06 -21.60
C SER A 129 -16.47 -10.40 -21.84
N LYS A 130 -15.16 -10.43 -21.72
CA LYS A 130 -14.41 -11.69 -21.91
C LYS A 130 -13.19 -11.65 -21.02
N SER A 131 -13.02 -12.68 -20.21
CA SER A 131 -11.90 -12.77 -19.28
C SER A 131 -10.53 -12.61 -19.92
N VAL A 132 -9.76 -11.66 -19.41
CA VAL A 132 -8.42 -11.41 -19.89
C VAL A 132 -7.44 -12.16 -19.01
N ALA A 133 -6.64 -13.03 -19.59
CA ALA A 133 -5.68 -13.79 -18.80
C ALA A 133 -4.26 -13.21 -18.79
N ASP A 134 -3.80 -12.69 -19.92
CA ASP A 134 -2.44 -12.15 -20.03
C ASP A 134 -2.30 -10.67 -19.67
N GLY A 135 -1.08 -10.28 -19.28
CA GLY A 135 -0.83 -8.89 -18.93
C GLY A 135 -1.63 -8.40 -17.73
N VAL A 136 -1.82 -9.29 -16.78
CA VAL A 136 -2.54 -8.96 -15.55
C VAL A 136 -1.65 -9.23 -14.35
N TYR A 137 -1.54 -8.25 -13.45
CA TYR A 137 -0.74 -8.43 -12.25
C TYR A 137 -1.56 -7.98 -11.03
N GLU A 138 -1.33 -8.65 -9.91
CA GLU A 138 -2.05 -8.37 -8.67
C GLU A 138 -1.08 -8.14 -7.49
N THR A 139 -1.47 -7.27 -6.57
CA THR A 139 -0.63 -7.01 -5.41
C THR A 139 -1.12 -7.86 -4.24
N SER A 140 -0.40 -7.81 -3.13
CA SER A 140 -0.82 -8.54 -1.94
C SER A 140 -1.90 -7.71 -1.28
N PHE A 141 -2.46 -8.23 -0.23
CA PHE A 141 -3.46 -7.49 0.53
C PHE A 141 -2.74 -6.46 1.39
N PHE A 142 -3.00 -5.19 1.13
CA PHE A 142 -2.37 -4.14 1.93
C PHE A 142 -3.25 -3.93 3.15
N VAL A 143 -2.68 -3.66 4.31
CA VAL A 143 -3.52 -3.44 5.50
C VAL A 143 -4.09 -2.02 5.53
N ASN A 144 -5.24 -1.87 6.19
CA ASN A 144 -5.90 -0.57 6.34
C ASN A 144 -5.98 -0.26 7.84
N ARG A 145 -6.10 1.04 8.15
CA ARG A 145 -6.18 1.45 9.55
C ARG A 145 -7.34 0.77 10.28
N ASP A 146 -8.43 0.46 9.58
CA ASP A 146 -9.58 -0.17 10.21
C ASP A 146 -9.56 -1.70 10.14
N TYR A 147 -8.37 -2.22 9.87
CA TYR A 147 -8.12 -3.65 9.77
C TYR A 147 -8.83 -4.40 8.67
N SER A 148 -9.31 -3.67 7.67
CA SER A 148 -9.90 -4.29 6.50
C SER A 148 -8.70 -4.18 5.57
N PHE A 149 -8.83 -4.59 4.31
CA PHE A 149 -7.68 -4.51 3.42
C PHE A 149 -8.01 -3.92 2.06
N HIS A 150 -6.96 -3.64 1.29
CA HIS A 150 -7.15 -3.20 -0.08
C HIS A 150 -6.16 -3.93 -0.93
N LYS A 151 -6.41 -3.98 -2.23
CA LYS A 151 -5.57 -4.72 -3.14
C LYS A 151 -5.73 -4.13 -4.52
N LEU A 152 -4.67 -4.11 -5.31
CA LEU A 152 -4.80 -3.58 -6.65
C LEU A 152 -4.50 -4.65 -7.69
N SER A 153 -5.12 -4.51 -8.85
CA SER A 153 -4.91 -5.40 -9.98
C SER A 153 -4.54 -4.50 -11.15
N TYR A 154 -3.69 -5.00 -12.04
CA TYR A 154 -3.28 -4.19 -13.18
C TYR A 154 -3.49 -4.94 -14.46
N LEU A 155 -3.99 -4.24 -15.47
CA LEU A 155 -4.21 -4.83 -16.80
C LEU A 155 -3.46 -4.01 -17.80
N THR A 156 -2.47 -4.60 -18.45
CA THR A 156 -1.70 -3.89 -19.47
C THR A 156 -2.60 -3.79 -20.69
N PHE A 157 -2.72 -2.61 -21.28
CA PHE A 157 -3.61 -2.49 -22.44
C PHE A 157 -3.25 -1.40 -23.44
N ILE A 158 -3.88 -1.46 -24.60
CA ILE A 158 -3.71 -0.46 -25.66
C ILE A 158 -5.05 0.26 -25.75
N PRO A 159 -5.09 1.54 -25.35
CA PRO A 159 -6.30 2.36 -25.37
C PRO A 159 -6.98 2.45 -26.73
N SER A 160 -8.27 2.13 -26.76
CA SER A 160 -9.06 2.20 -27.99
C SER A 160 -10.53 2.34 -27.62
N ASP A 161 -11.23 3.25 -28.28
CA ASP A 161 -12.64 3.48 -27.97
C ASP A 161 -13.55 2.31 -28.34
N ASP A 162 -13.02 1.38 -29.14
CA ASP A 162 -13.81 0.20 -29.54
C ASP A 162 -13.92 -0.81 -28.40
N ASP A 163 -13.12 -0.61 -27.36
CA ASP A 163 -13.12 -1.53 -26.23
C ASP A 163 -13.74 -1.01 -24.95
N ILE A 164 -14.34 -1.91 -24.19
CA ILE A 164 -14.92 -1.56 -22.91
C ILE A 164 -14.34 -2.59 -21.96
N TYR A 165 -13.79 -2.13 -20.84
CA TYR A 165 -13.19 -3.05 -19.89
C TYR A 165 -14.02 -3.17 -18.64
N ASP A 166 -13.72 -4.20 -17.86
CA ASP A 166 -14.44 -4.43 -16.61
C ASP A 166 -13.55 -5.08 -15.57
N CYS A 167 -13.57 -4.50 -14.37
CA CYS A 167 -12.83 -5.08 -13.26
C CYS A 167 -13.96 -5.84 -12.56
N LYS A 168 -13.82 -7.15 -12.45
CA LYS A 168 -14.84 -7.98 -11.84
C LYS A 168 -14.38 -8.44 -10.46
N VAL A 169 -15.12 -8.04 -9.44
CA VAL A 169 -14.77 -8.41 -8.09
C VAL A 169 -15.77 -9.39 -7.50
N GLU A 170 -15.26 -10.50 -6.98
CA GLU A 170 -16.08 -11.52 -6.34
C GLU A 170 -15.64 -11.58 -4.88
N HIS A 171 -16.58 -11.35 -3.97
CA HIS A 171 -16.29 -11.38 -2.54
C HIS A 171 -17.52 -11.84 -1.76
N TRP A 172 -17.30 -12.59 -0.69
CA TRP A 172 -18.39 -13.09 0.13
C TRP A 172 -19.40 -12.00 0.54
N GLY A 173 -18.92 -10.76 0.68
CA GLY A 173 -19.79 -9.68 1.09
C GLY A 173 -20.57 -9.01 -0.02
N LEU A 174 -20.50 -9.57 -1.22
CA LEU A 174 -21.22 -9.04 -2.38
C LEU A 174 -22.20 -10.12 -2.82
N GLU A 175 -23.49 -9.81 -2.88
CA GLU A 175 -24.45 -10.84 -3.28
C GLU A 175 -24.47 -11.10 -4.78
N GLU A 176 -23.38 -10.77 -5.44
CA GLU A 176 -23.23 -10.96 -6.88
C GLU A 176 -21.95 -10.26 -7.30
N PRO A 177 -21.24 -10.83 -8.30
CA PRO A 177 -20.00 -10.21 -8.76
C PRO A 177 -20.21 -8.75 -9.20
N VAL A 178 -19.38 -7.85 -8.67
CA VAL A 178 -19.45 -6.45 -9.02
C VAL A 178 -18.52 -6.17 -10.20
N LEU A 179 -19.03 -5.48 -11.21
CA LEU A 179 -18.21 -5.16 -12.36
C LEU A 179 -18.06 -3.66 -12.57
N LYS A 180 -16.84 -3.17 -12.39
CA LYS A 180 -16.55 -1.76 -12.58
C LYS A 180 -16.14 -1.59 -14.02
N HIS A 181 -16.87 -0.74 -14.73
CA HIS A 181 -16.60 -0.53 -16.14
C HIS A 181 -15.70 0.66 -16.37
N TRP A 182 -15.00 0.62 -17.49
CA TRP A 182 -14.09 1.68 -17.89
C TRP A 182 -13.89 1.58 -19.39
N SER A 183 -13.74 2.71 -20.03
CA SER A 183 -13.52 2.76 -21.47
C SER A 183 -12.99 4.13 -21.82
N SER A 184 -12.05 4.20 -22.75
CA SER A 184 -11.56 5.48 -23.17
C SER A 184 -12.66 6.24 -23.88
N ALA A 185 -13.70 5.51 -24.25
CA ALA A 185 -14.84 6.09 -24.98
C ALA A 185 -15.72 6.99 -24.11
N ASP A 186 -15.64 6.81 -22.81
CA ASP A 186 -16.43 7.66 -21.92
C ASP A 186 -16.15 9.18 -22.21
N LEU A 187 -14.89 9.47 -22.57
CA LEU A 187 -14.38 10.83 -22.88
C LEU A 187 -15.08 11.52 -24.04
N SER B 3 -13.29 -24.79 15.03
CA SER B 3 -13.62 -23.53 14.30
C SER B 3 -14.40 -23.87 13.04
N GLU B 4 -15.64 -23.42 12.96
CA GLU B 4 -16.41 -23.66 11.76
C GLU B 4 -16.58 -22.28 11.09
N ARG B 5 -16.33 -21.22 11.86
CA ARG B 5 -16.46 -19.83 11.39
C ARG B 5 -15.13 -19.22 10.93
N HIS B 6 -15.21 -18.34 9.92
CA HIS B 6 -14.03 -17.69 9.36
C HIS B 6 -13.56 -16.53 10.22
N PHE B 7 -12.32 -16.59 10.67
CA PHE B 7 -11.73 -15.54 11.50
C PHE B 7 -10.43 -15.03 10.88
N VAL B 8 -10.12 -13.76 11.10
CA VAL B 8 -8.91 -13.17 10.55
C VAL B 8 -7.97 -12.71 11.65
N TYR B 9 -6.76 -13.26 11.68
CA TYR B 9 -5.78 -12.85 12.68
C TYR B 9 -4.69 -12.09 11.95
N GLN B 10 -4.21 -11.02 12.56
CA GLN B 10 -3.19 -10.19 11.96
C GLN B 10 -2.19 -9.69 12.98
N PHE B 11 -0.93 -9.68 12.59
CA PHE B 11 0.15 -9.20 13.44
C PHE B 11 1.04 -8.34 12.56
N MET B 12 1.71 -7.38 13.17
CA MET B 12 2.58 -6.49 12.41
C MET B 12 3.55 -5.73 13.30
N GLY B 13 4.71 -5.40 12.73
CA GLY B 13 5.73 -4.67 13.46
C GLY B 13 5.97 -3.36 12.75
N GLU B 14 5.48 -2.26 13.34
CA GLU B 14 5.60 -0.95 12.73
C GLU B 14 6.73 -0.14 13.29
N CYS B 15 7.54 0.40 12.38
CA CYS B 15 8.70 1.20 12.72
C CYS B 15 8.51 2.62 12.22
N TYR B 16 8.29 3.55 13.13
CA TYR B 16 8.09 4.95 12.80
C TYR B 16 9.40 5.71 12.89
N PHE B 17 9.85 6.22 11.77
CA PHE B 17 11.10 6.97 11.72
C PHE B 17 10.79 8.44 11.48
N THR B 18 11.56 9.31 12.12
CA THR B 18 11.40 10.75 11.94
C THR B 18 12.77 11.39 12.10
N ASN B 19 13.15 12.19 11.10
CA ASN B 19 14.46 12.82 11.03
C ASN B 19 15.43 11.65 10.90
N GLY B 20 15.16 10.78 9.94
CA GLY B 20 16.00 9.61 9.73
C GLY B 20 15.77 8.64 10.88
N THR B 21 16.86 8.10 11.42
CA THR B 21 16.77 7.17 12.54
C THR B 21 16.91 7.93 13.85
N GLN B 22 17.20 9.24 13.76
CA GLN B 22 17.35 10.10 14.92
C GLN B 22 16.28 9.78 15.96
N ARG B 23 15.09 9.46 15.48
CA ARG B 23 13.98 9.13 16.36
C ARG B 23 13.29 7.87 15.81
N ILE B 24 13.04 6.91 16.68
CA ILE B 24 12.41 5.65 16.30
C ILE B 24 11.42 5.11 17.33
N ARG B 25 10.14 5.09 16.98
CA ARG B 25 9.13 4.55 17.86
C ARG B 25 8.81 3.21 17.26
N TYR B 26 8.59 2.20 18.10
CA TYR B 26 8.34 0.85 17.62
C TYR B 26 7.10 0.21 18.23
N VAL B 27 6.13 -0.11 17.40
CA VAL B 27 4.92 -0.73 17.91
C VAL B 27 4.71 -2.08 17.27
N THR B 28 4.22 -2.99 18.07
CA THR B 28 3.94 -4.34 17.66
C THR B 28 2.45 -4.45 17.94
N ARG B 29 1.70 -4.95 16.97
CA ARG B 29 0.27 -5.05 17.17
C ARG B 29 -0.25 -6.41 16.84
N TYR B 30 -1.07 -6.94 17.74
CA TYR B 30 -1.70 -8.24 17.52
C TYR B 30 -3.16 -7.90 17.32
N ILE B 31 -3.72 -8.31 16.19
CA ILE B 31 -5.12 -8.04 15.87
C ILE B 31 -5.90 -9.33 15.64
N TYR B 32 -7.13 -9.36 16.15
CA TYR B 32 -7.99 -10.52 16.00
C TYR B 32 -9.41 -10.09 15.64
N ASN B 33 -9.95 -10.67 14.58
CA ASN B 33 -11.30 -10.34 14.15
C ASN B 33 -11.49 -8.82 14.05
N ARG B 34 -10.54 -8.14 13.40
CA ARG B 34 -10.55 -6.70 13.19
C ARG B 34 -10.34 -5.88 14.45
N GLU B 35 -9.89 -6.57 15.49
CA GLU B 35 -9.71 -5.89 16.78
C GLU B 35 -8.30 -6.11 17.31
N GLU B 36 -7.65 -5.00 17.62
CA GLU B 36 -6.36 -5.04 18.23
C GLU B 36 -6.56 -5.39 19.70
N TYR B 37 -5.96 -6.48 20.17
CA TYR B 37 -6.15 -6.87 21.56
C TYR B 37 -4.95 -6.65 22.47
N VAL B 38 -3.75 -6.89 21.97
CA VAL B 38 -2.53 -6.70 22.75
C VAL B 38 -1.55 -5.98 21.89
N ARG B 39 -0.60 -5.26 22.54
CA ARG B 39 0.39 -4.52 21.76
C ARG B 39 1.60 -4.08 22.57
N TYR B 40 2.73 -3.89 21.89
CA TYR B 40 3.96 -3.42 22.51
C TYR B 40 4.36 -2.10 21.88
N ASP B 41 4.43 -1.07 22.69
CA ASP B 41 4.86 0.23 22.23
C ASP B 41 6.21 0.53 22.83
N SER B 42 7.19 0.94 22.02
CA SER B 42 8.52 1.22 22.54
C SER B 42 8.47 2.32 23.60
N ASP B 43 7.54 3.27 23.44
CA ASP B 43 7.39 4.38 24.38
C ASP B 43 6.92 3.90 25.75
N VAL B 44 6.08 2.86 25.76
CA VAL B 44 5.56 2.29 27.00
C VAL B 44 6.56 1.32 27.61
N GLY B 45 7.49 0.84 26.79
CA GLY B 45 8.52 -0.07 27.27
C GLY B 45 8.13 -1.53 27.42
N GLU B 46 6.85 -1.84 27.45
CA GLU B 46 6.41 -3.23 27.60
C GLU B 46 5.06 -3.51 26.95
N HIS B 47 4.69 -4.79 26.95
CA HIS B 47 3.44 -5.24 26.37
C HIS B 47 2.23 -4.76 27.17
N ARG B 48 1.24 -4.21 26.46
CA ARG B 48 0.01 -3.73 27.09
C ARG B 48 -1.23 -4.35 26.46
N ALA B 49 -2.21 -4.61 27.29
CA ALA B 49 -3.47 -5.16 26.80
C ALA B 49 -4.30 -4.06 26.17
N VAL B 50 -4.27 -3.95 24.86
CA VAL B 50 -5.07 -2.96 24.13
C VAL B 50 -6.56 -3.14 24.42
N THR B 51 -6.98 -4.40 24.44
CA THR B 51 -8.36 -4.77 24.74
C THR B 51 -8.31 -5.68 25.95
N GLU B 52 -9.48 -6.09 26.45
CA GLU B 52 -9.55 -6.98 27.61
C GLU B 52 -8.96 -8.34 27.27
N LEU B 53 -9.40 -8.91 26.15
CA LEU B 53 -8.94 -10.23 25.72
C LEU B 53 -7.42 -10.30 25.70
N GLY B 54 -6.77 -9.17 25.82
CA GLY B 54 -5.32 -9.12 25.76
C GLY B 54 -4.59 -9.19 27.09
N ARG B 55 -5.29 -8.91 28.19
CA ARG B 55 -4.67 -8.94 29.52
C ARG B 55 -3.83 -10.20 29.75
N PRO B 56 -4.42 -11.39 29.54
CA PRO B 56 -3.66 -12.63 29.75
C PRO B 56 -2.28 -12.59 29.08
N ASP B 57 -2.25 -12.15 27.83
CA ASP B 57 -1.03 -12.10 27.05
C ASP B 57 -0.03 -11.00 27.40
N ALA B 58 -0.51 -9.81 27.74
CA ALA B 58 0.39 -8.73 28.09
C ALA B 58 1.27 -9.17 29.25
N GLU B 59 0.63 -9.65 30.32
CA GLU B 59 1.37 -10.12 31.47
C GLU B 59 2.18 -11.34 31.09
N TYR B 60 1.57 -12.28 30.39
CA TYR B 60 2.25 -13.51 29.98
C TYR B 60 3.57 -13.29 29.25
N TRP B 61 3.61 -12.38 28.28
CA TRP B 61 4.84 -12.13 27.53
C TRP B 61 5.83 -11.27 28.31
N ASN B 62 5.28 -10.41 29.16
CA ASN B 62 6.11 -9.54 29.99
C ASN B 62 6.72 -10.45 31.08
N SER B 63 6.20 -11.67 31.17
CA SER B 63 6.69 -12.63 32.16
C SER B 63 7.71 -13.60 31.58
N GLN B 64 8.49 -13.14 30.60
CA GLN B 64 9.49 -13.99 29.99
C GLN B 64 10.68 -13.15 29.55
N PRO B 65 11.46 -12.68 30.52
CA PRO B 65 12.66 -11.85 30.40
C PRO B 65 13.32 -11.70 29.03
N GLU B 66 13.70 -12.79 28.37
CA GLU B 66 14.33 -12.64 27.06
C GLU B 66 13.30 -12.42 25.96
N ILE B 67 12.14 -13.05 26.11
CA ILE B 67 11.08 -12.88 25.12
C ILE B 67 10.69 -11.42 25.18
N LEU B 68 10.60 -10.88 26.39
CA LEU B 68 10.24 -9.48 26.52
C LEU B 68 11.44 -8.58 26.32
N GLU B 69 12.65 -9.14 26.39
CA GLU B 69 13.84 -8.31 26.19
C GLU B 69 14.35 -8.37 24.76
N ARG B 70 13.83 -9.32 23.99
CA ARG B 70 14.19 -9.48 22.57
C ARG B 70 13.28 -8.49 21.83
N THR B 71 12.04 -8.41 22.31
CA THR B 71 11.03 -7.50 21.76
C THR B 71 11.46 -6.03 21.87
N ARG B 72 12.03 -5.64 23.02
CA ARG B 72 12.46 -4.26 23.21
C ARG B 72 13.66 -4.03 22.34
N ALA B 73 14.41 -5.09 22.08
CA ALA B 73 15.59 -4.95 21.25
C ALA B 73 15.24 -4.89 19.75
N GLU B 74 14.01 -5.28 19.38
CA GLU B 74 13.66 -5.27 17.96
C GLU B 74 13.73 -3.86 17.38
N LEU B 75 13.66 -2.86 18.24
CA LEU B 75 13.73 -1.47 17.78
C LEU B 75 15.11 -1.25 17.17
N ASP B 76 16.08 -2.04 17.63
CA ASP B 76 17.44 -1.92 17.15
C ASP B 76 17.77 -3.04 16.17
N THR B 77 17.22 -4.21 16.47
CA THR B 77 17.43 -5.41 15.68
C THR B 77 16.75 -5.33 14.33
N VAL B 78 15.58 -4.69 14.32
CA VAL B 78 14.76 -4.56 13.13
C VAL B 78 14.66 -3.16 12.53
N CYS B 79 14.01 -2.24 13.24
CA CYS B 79 13.82 -0.86 12.76
C CYS B 79 15.11 -0.16 12.34
N ARG B 80 15.94 0.13 13.34
CA ARG B 80 17.21 0.82 13.12
C ARG B 80 18.05 0.08 12.10
N HIS B 81 18.10 -1.24 12.24
CA HIS B 81 18.89 -2.06 11.34
C HIS B 81 18.36 -2.08 9.91
N ASN B 82 17.04 -2.22 9.75
CA ASN B 82 16.46 -2.29 8.41
C ASN B 82 16.61 -0.93 7.75
N TYR B 83 16.35 0.12 8.51
CA TYR B 83 16.43 1.47 8.01
C TYR B 83 17.82 1.88 7.60
N GLU B 84 18.77 1.77 8.52
CA GLU B 84 20.12 2.21 8.22
C GLU B 84 20.85 1.39 7.19
N GLY B 85 20.37 0.18 6.93
CA GLY B 85 21.01 -0.66 5.95
C GLY B 85 20.22 -0.81 4.66
N PRO B 86 19.42 -1.87 4.55
CA PRO B 86 18.60 -2.14 3.37
C PRO B 86 17.81 -0.93 2.83
N GLU B 87 17.04 -0.26 3.70
CA GLU B 87 16.24 0.88 3.23
C GLU B 87 17.04 1.95 2.54
N THR B 88 18.24 2.25 3.05
CA THR B 88 19.06 3.29 2.43
C THR B 88 19.54 2.94 1.02
N HIS B 89 19.61 1.65 0.70
CA HIS B 89 20.04 1.18 -0.63
C HIS B 89 18.87 0.99 -1.60
N THR B 90 17.66 0.97 -1.07
CA THR B 90 16.48 0.76 -1.91
C THR B 90 15.44 1.86 -1.79
N SER B 91 14.57 1.75 -0.78
CA SER B 91 13.51 2.71 -0.55
C SER B 91 13.96 4.14 -0.56
N LEU B 92 14.84 4.47 0.37
CA LEU B 92 15.34 5.82 0.55
C LEU B 92 16.12 6.39 -0.63
N ARG B 93 16.45 5.56 -1.61
CA ARG B 93 17.16 6.12 -2.74
C ARG B 93 16.42 6.01 -4.07
N ARG B 94 15.17 5.55 -4.02
CA ARG B 94 14.36 5.45 -5.23
C ARG B 94 13.91 6.86 -5.61
N LEU B 95 14.17 7.24 -6.86
CA LEU B 95 13.78 8.56 -7.35
C LEU B 95 13.25 8.41 -8.76
N GLU B 96 11.94 8.53 -8.93
CA GLU B 96 11.34 8.41 -10.25
C GLU B 96 10.86 9.77 -10.70
N GLN B 97 11.39 10.23 -11.83
CA GLN B 97 11.03 11.53 -12.35
C GLN B 97 9.62 11.56 -12.90
N PRO B 98 8.78 12.44 -12.33
CA PRO B 98 7.39 12.58 -12.75
C PRO B 98 7.29 12.94 -14.21
N ASN B 99 6.29 12.40 -14.90
CA ASN B 99 6.06 12.75 -16.29
C ASN B 99 5.00 13.83 -16.18
N VAL B 100 5.14 14.87 -16.98
CA VAL B 100 4.21 15.99 -16.90
C VAL B 100 3.65 16.39 -18.25
N VAL B 101 2.33 16.43 -18.36
CA VAL B 101 1.68 16.81 -19.61
C VAL B 101 0.43 17.63 -19.35
N ILE B 102 0.13 18.55 -20.28
CA ILE B 102 -1.04 19.41 -20.18
C ILE B 102 -1.99 19.07 -21.33
N SER B 103 -3.29 19.03 -21.05
CA SER B 103 -4.26 18.75 -22.09
C SER B 103 -5.57 19.43 -21.69
N LEU B 104 -6.32 19.88 -22.68
CA LEU B 104 -7.59 20.56 -22.42
C LEU B 104 -8.67 19.64 -21.87
N SER B 105 -9.66 20.23 -21.21
CA SER B 105 -10.76 19.47 -20.63
C SER B 105 -12.09 19.97 -21.16
N HIS B 113 -13.94 29.32 -21.71
CA HIS B 113 -14.23 28.89 -20.35
C HIS B 113 -13.90 27.41 -20.16
N ASN B 114 -12.74 26.99 -20.65
CA ASN B 114 -12.34 25.60 -20.52
C ASN B 114 -11.35 25.40 -19.37
N THR B 115 -11.02 24.15 -19.09
CA THR B 115 -10.10 23.83 -18.02
C THR B 115 -8.82 23.17 -18.52
N LEU B 116 -7.70 23.53 -17.92
CA LEU B 116 -6.42 22.94 -18.27
C LEU B 116 -6.12 21.89 -17.21
N VAL B 117 -5.76 20.69 -17.66
CA VAL B 117 -5.46 19.60 -16.76
C VAL B 117 -3.99 19.22 -16.86
N CYS B 118 -3.25 19.37 -15.77
CA CYS B 118 -1.85 18.99 -15.79
C CYS B 118 -1.68 17.63 -15.11
N SER B 119 -1.34 16.62 -15.91
CA SER B 119 -1.13 15.28 -15.42
C SER B 119 0.31 15.06 -14.97
N VAL B 120 0.48 14.82 -13.67
CA VAL B 120 1.80 14.59 -13.10
C VAL B 120 1.78 13.11 -12.73
N THR B 121 2.54 12.30 -13.46
CA THR B 121 2.50 10.88 -13.23
C THR B 121 3.80 10.12 -13.09
N ASP B 122 3.66 8.90 -12.58
CA ASP B 122 4.74 7.94 -12.35
C ASP B 122 5.94 8.43 -11.53
N PHE B 123 5.69 9.24 -10.50
CA PHE B 123 6.79 9.72 -9.68
C PHE B 123 6.91 9.07 -8.31
N TYR B 124 8.11 9.17 -7.74
CA TYR B 124 8.44 8.64 -6.42
C TYR B 124 9.71 9.34 -5.91
N PRO B 125 9.75 9.74 -4.63
CA PRO B 125 8.74 9.63 -3.55
C PRO B 125 7.46 10.44 -3.69
N ALA B 126 6.61 10.32 -2.68
CA ALA B 126 5.32 10.98 -2.63
C ALA B 126 5.35 12.50 -2.61
N LYS B 127 6.37 13.06 -1.95
CA LYS B 127 6.52 14.51 -1.84
C LYS B 127 6.54 15.20 -3.19
N ILE B 128 5.67 16.19 -3.37
CA ILE B 128 5.59 16.92 -4.63
C ILE B 128 4.82 18.23 -4.47
N LYS B 129 5.10 19.16 -5.36
CA LYS B 129 4.46 20.46 -5.36
C LYS B 129 4.28 20.85 -6.81
N VAL B 130 3.04 21.03 -7.21
CA VAL B 130 2.71 21.39 -8.58
C VAL B 130 2.07 22.75 -8.54
N ARG B 131 2.44 23.61 -9.48
CA ARG B 131 1.87 24.93 -9.49
C ARG B 131 1.63 25.42 -10.89
N TRP B 132 0.60 26.23 -11.04
CA TRP B 132 0.25 26.78 -12.33
C TRP B 132 0.71 28.22 -12.43
N PHE B 133 1.16 28.62 -13.60
CA PHE B 133 1.61 29.98 -13.82
C PHE B 133 0.91 30.49 -15.06
N ARG B 134 0.52 31.75 -15.01
CA ARG B 134 -0.08 32.40 -16.16
C ARG B 134 0.77 33.66 -16.33
N ASN B 135 1.57 33.68 -17.39
CA ASN B 135 2.43 34.81 -17.67
C ASN B 135 3.41 35.03 -16.52
N GLY B 136 4.17 33.98 -16.21
CA GLY B 136 5.17 34.05 -15.16
C GLY B 136 4.61 34.36 -13.78
N GLN B 137 3.30 34.48 -13.69
CA GLN B 137 2.66 34.79 -12.42
C GLN B 137 1.98 33.56 -11.84
N GLU B 138 2.30 33.24 -10.60
CA GLU B 138 1.73 32.08 -9.94
C GLU B 138 0.22 32.16 -9.72
N GLU B 139 -0.53 31.41 -10.53
CA GLU B 139 -1.96 31.41 -10.44
C GLU B 139 -2.37 30.53 -9.27
N THR B 140 -3.35 31.00 -8.51
CA THR B 140 -3.82 30.19 -7.39
C THR B 140 -5.32 30.01 -7.38
N VAL B 141 -6.06 30.99 -7.88
CA VAL B 141 -7.51 30.81 -7.94
C VAL B 141 -7.81 29.94 -9.14
N GLY B 142 -8.99 29.32 -9.14
CA GLY B 142 -9.37 28.47 -10.26
C GLY B 142 -8.51 27.22 -10.39
N VAL B 143 -7.69 26.92 -9.38
CA VAL B 143 -6.84 25.73 -9.41
C VAL B 143 -7.36 24.69 -8.44
N SER B 144 -7.25 23.42 -8.80
CA SER B 144 -7.71 22.35 -7.94
C SER B 144 -6.92 21.11 -8.30
N SER B 145 -6.62 20.33 -7.27
CA SER B 145 -5.82 19.12 -7.44
C SER B 145 -6.50 17.92 -6.85
N THR B 146 -6.20 16.76 -7.41
CA THR B 146 -6.73 15.53 -6.88
C THR B 146 -5.85 15.26 -5.66
N GLN B 147 -6.26 14.32 -4.83
CA GLN B 147 -5.40 13.97 -3.70
C GLN B 147 -4.21 13.25 -4.33
N LEU B 148 -3.27 12.80 -3.52
CA LEU B 148 -2.12 12.07 -4.05
C LEU B 148 -2.64 10.69 -4.44
N ILE B 149 -2.36 10.27 -5.66
CA ILE B 149 -2.85 8.96 -6.07
C ILE B 149 -1.78 7.89 -6.05
N ARG B 150 -1.98 6.90 -5.19
CA ARG B 150 -1.05 5.78 -5.04
C ARG B 150 -1.37 4.68 -6.05
N ASN B 151 -0.45 4.44 -6.98
CA ASN B 151 -0.64 3.44 -8.00
C ASN B 151 -0.35 2.04 -7.51
N GLY B 152 0.20 1.93 -6.31
CA GLY B 152 0.48 0.63 -5.74
C GLY B 152 1.68 -0.10 -6.27
N ASP B 153 2.40 0.52 -7.22
CA ASP B 153 3.59 -0.08 -7.83
C ASP B 153 4.84 0.80 -7.57
N TRP B 154 4.82 1.52 -6.46
CA TRP B 154 5.91 2.42 -6.09
C TRP B 154 5.95 3.69 -6.95
N THR B 155 4.78 4.10 -7.42
CA THR B 155 4.66 5.35 -8.16
C THR B 155 3.35 6.01 -7.77
N PHE B 156 3.28 7.32 -7.94
CA PHE B 156 2.07 8.06 -7.60
C PHE B 156 1.72 8.88 -8.82
N GLN B 157 0.60 9.59 -8.74
CA GLN B 157 0.20 10.48 -9.79
C GLN B 157 -0.70 11.49 -9.15
N VAL B 158 -0.83 12.63 -9.80
CA VAL B 158 -1.70 13.67 -9.29
C VAL B 158 -2.13 14.48 -10.50
N LEU B 159 -3.39 14.87 -10.56
CA LEU B 159 -3.89 15.67 -11.66
C LEU B 159 -4.28 17.02 -11.13
N VAL B 160 -3.73 18.08 -11.73
CA VAL B 160 -4.04 19.42 -11.28
C VAL B 160 -4.74 20.20 -12.40
N MET B 161 -5.93 20.73 -12.09
CA MET B 161 -6.73 21.48 -13.06
C MET B 161 -6.68 22.98 -12.82
N LEU B 162 -6.71 23.72 -13.92
CA LEU B 162 -6.76 25.16 -13.87
C LEU B 162 -7.98 25.65 -14.67
N GLU B 163 -8.96 26.24 -13.99
CA GLU B 163 -10.12 26.80 -14.65
C GLU B 163 -9.73 28.17 -15.13
N MET B 164 -9.93 28.47 -16.42
CA MET B 164 -9.50 29.76 -16.95
C MET B 164 -10.27 30.17 -18.19
N THR B 165 -9.93 31.40 -18.60
CA THR B 165 -10.47 32.09 -19.77
C THR B 165 -9.32 32.46 -20.71
N PRO B 166 -9.00 31.58 -21.69
CA PRO B 166 -7.92 31.76 -22.69
C PRO B 166 -7.80 33.11 -23.38
N ARG B 167 -7.13 34.07 -22.71
CA ARG B 167 -6.93 35.40 -23.29
C ARG B 167 -5.73 35.42 -24.24
N ARG B 168 -5.97 35.74 -25.52
CA ARG B 168 -4.91 35.81 -26.53
C ARG B 168 -3.65 36.44 -25.93
N GLY B 169 -2.57 35.67 -25.91
CA GLY B 169 -1.31 36.12 -25.33
C GLY B 169 -1.23 35.37 -24.00
N GLU B 170 -2.03 34.31 -23.92
CA GLU B 170 -2.13 33.47 -22.73
C GLU B 170 -1.05 32.41 -22.68
N VAL B 171 -0.18 32.50 -21.67
CA VAL B 171 0.88 31.52 -21.50
C VAL B 171 0.62 30.87 -20.14
N TYR B 172 0.20 29.61 -20.18
CA TYR B 172 -0.08 28.83 -18.98
C TYR B 172 1.04 27.81 -18.76
N THR B 173 1.64 27.83 -17.58
CA THR B 173 2.72 26.89 -17.29
C THR B 173 2.48 26.02 -16.08
N CYS B 174 2.57 24.72 -16.27
CA CYS B 174 2.43 23.78 -15.18
C CYS B 174 3.85 23.66 -14.65
N HIS B 175 4.00 23.92 -13.37
CA HIS B 175 5.29 23.91 -12.73
C HIS B 175 5.38 22.78 -11.69
N VAL B 176 6.29 21.84 -11.92
CA VAL B 176 6.47 20.70 -11.03
C VAL B 176 7.82 20.56 -10.33
N GLU B 177 7.80 20.57 -9.01
CA GLU B 177 9.02 20.40 -8.24
C GLU B 177 9.00 19.08 -7.50
N HIS B 178 9.94 18.21 -7.84
CA HIS B 178 10.08 16.90 -7.22
C HIS B 178 11.54 16.54 -6.97
N PRO B 179 11.85 15.94 -5.81
CA PRO B 179 13.21 15.53 -5.42
C PRO B 179 13.99 14.81 -6.52
N SER B 180 13.31 14.06 -7.37
CA SER B 180 13.98 13.34 -8.45
C SER B 180 14.42 14.35 -9.50
N LEU B 181 14.02 15.59 -9.30
CA LEU B 181 14.34 16.65 -10.25
C LEU B 181 15.32 17.66 -9.71
N LYS B 182 16.49 17.71 -10.34
CA LYS B 182 17.51 18.65 -9.94
C LYS B 182 16.92 20.04 -10.24
N SER B 183 16.22 20.14 -11.37
CA SER B 183 15.59 21.39 -11.79
C SER B 183 14.09 21.22 -12.11
N PRO B 184 13.22 21.98 -11.42
CA PRO B 184 11.76 21.96 -11.58
C PRO B 184 11.33 21.81 -13.03
N ILE B 185 10.33 20.97 -13.28
CA ILE B 185 9.84 20.78 -14.65
C ILE B 185 8.76 21.79 -14.94
N THR B 186 8.69 22.21 -16.21
CA THR B 186 7.70 23.17 -16.66
C THR B 186 7.16 22.79 -18.04
N VAL B 187 5.84 22.78 -18.16
CA VAL B 187 5.21 22.47 -19.44
C VAL B 187 4.30 23.64 -19.72
N GLU B 188 4.33 24.16 -20.94
CA GLU B 188 3.53 25.30 -21.31
C GLU B 188 2.46 25.00 -22.34
N TRP B 189 1.35 25.70 -22.25
CA TRP B 189 0.22 25.51 -23.16
C TRP B 189 -0.42 26.82 -23.57
N SER B 190 -0.55 27.05 -24.87
CA SER B 190 -1.13 28.29 -25.38
C SER B 190 -2.41 27.99 -26.14
N SER B 191 -3.34 28.94 -26.12
CA SER B 191 -4.61 28.76 -26.83
C SER B 191 -4.31 28.28 -28.24
N ALA B 192 -3.14 28.67 -28.72
CA ALA B 192 -2.69 28.29 -30.06
C ALA B 192 -2.53 26.77 -30.11
N GLU B 193 -1.60 26.27 -29.31
CA GLU B 193 -1.32 24.84 -29.23
C GLU B 193 -2.60 24.08 -28.93
N PRO C 13 27.86 -7.20 -0.04
CA PRO C 13 26.85 -7.44 -1.10
C PRO C 13 25.46 -6.93 -0.70
N VAL C 14 24.55 -7.87 -0.43
CA VAL C 14 23.19 -7.56 -0.06
C VAL C 14 23.00 -7.36 1.45
N SER C 15 22.29 -6.29 1.82
CA SER C 15 22.03 -6.00 3.23
C SER C 15 20.72 -6.66 3.65
N LYS C 16 20.84 -7.67 4.53
CA LYS C 16 19.69 -8.42 5.00
C LYS C 16 18.70 -7.61 5.83
N MET C 17 17.42 -7.96 5.69
CA MET C 17 16.35 -7.29 6.44
C MET C 17 15.85 -8.22 7.52
N ARG C 18 15.70 -7.69 8.73
CA ARG C 18 15.21 -8.49 9.84
C ARG C 18 13.77 -8.11 10.12
N MET C 19 13.00 -9.06 10.68
CA MET C 19 11.59 -8.82 10.96
C MET C 19 11.25 -9.00 12.43
N ALA C 20 10.17 -8.38 12.86
CA ALA C 20 9.72 -8.50 14.24
C ALA C 20 9.32 -9.95 14.45
N THR C 21 9.29 -10.40 15.69
CA THR C 21 8.93 -11.78 15.99
C THR C 21 7.68 -11.84 16.87
N PRO C 22 6.55 -12.27 16.29
CA PRO C 22 5.30 -12.37 17.05
C PRO C 22 5.49 -13.38 18.18
N LEU C 23 4.91 -13.09 19.34
CA LEU C 23 5.03 -13.99 20.47
C LEU C 23 3.89 -14.98 20.55
N LEU C 24 4.18 -16.16 21.07
CA LEU C 24 3.18 -17.23 21.21
C LEU C 24 2.38 -17.09 22.49
N MET C 25 1.05 -17.16 22.39
CA MET C 25 0.21 -17.07 23.57
C MET C 25 -0.11 -18.50 24.00
N GLN C 26 0.09 -18.79 25.28
CA GLN C 26 -0.12 -20.13 25.82
C GLN C 26 -1.49 -20.72 25.52
N ALA C 27 -1.49 -22.02 25.25
CA ALA C 27 -2.72 -22.75 24.95
C ALA C 27 -3.27 -23.36 26.24
#